data_6NP7
#
_entry.id   6NP7
#
_cell.length_a   69.317
_cell.length_b   66.085
_cell.length_c   60.580
_cell.angle_alpha   90.000
_cell.angle_beta   110.890
_cell.angle_gamma   90.000
#
_symmetry.space_group_name_H-M   'C 1 2 1'
#
loop_
_entity.id
_entity.type
_entity.pdbx_description
1 polymer 'Bromodomain factor 2 protein'
2 water water
#
_entity_poly.entity_id   1
_entity_poly.type   'polypeptide(L)'
_entity_poly.pdbx_seq_one_letter_code
;GMGKRGREGTLDKARCLAFVHQLWDKDKLKMFHHPISAAELPDYHKVINYPVDLSTIRQGIESGKYDSDADVQNAVAQMI
ANALEYNAKGTEWHQQALSFRSIYLDVARQCGLSVDDDAAY
;
_entity_poly.pdbx_strand_id   A,B
#
# COMPACT_ATOMS: atom_id res chain seq x y z
CA GLY A 9 17.28 -2.30 -6.39
C GLY A 9 18.39 -2.20 -5.35
N THR A 10 19.19 -1.14 -5.42
CA THR A 10 20.17 -0.72 -4.40
C THR A 10 19.47 0.16 -3.35
N LEU A 11 19.83 -0.01 -2.07
CA LEU A 11 19.43 0.90 -0.97
C LEU A 11 20.43 2.03 -0.89
N ASP A 12 20.01 3.22 -1.25
CA ASP A 12 20.81 4.44 -1.09
C ASP A 12 20.46 5.00 0.29
N LYS A 13 21.28 4.71 1.29
CA LYS A 13 21.05 5.10 2.71
C LYS A 13 21.09 6.62 2.87
N ALA A 14 22.01 7.31 2.18
CA ALA A 14 22.20 8.78 2.29
C ALA A 14 20.87 9.45 1.95
N ARG A 15 20.38 9.15 0.74
N ARG A 15 20.38 9.19 0.75
CA ARG A 15 19.17 9.73 0.10
CA ARG A 15 19.15 9.78 0.16
C ARG A 15 17.91 9.31 0.87
C ARG A 15 17.93 9.33 0.95
N CYS A 16 17.84 8.05 1.29
CA CYS A 16 16.73 7.54 2.14
C CYS A 16 16.75 8.19 3.52
N LEU A 17 17.91 8.37 4.17
CA LEU A 17 17.96 9.01 5.51
C LEU A 17 17.60 10.48 5.39
N ALA A 18 18.15 11.18 4.40
CA ALA A 18 17.73 12.55 4.05
C ALA A 18 16.20 12.64 3.98
N PHE A 19 15.60 11.81 3.12
CA PHE A 19 14.14 11.68 2.90
C PHE A 19 13.40 11.61 4.25
N VAL A 20 13.77 10.64 5.08
CA VAL A 20 13.21 10.47 6.45
C VAL A 20 13.39 11.78 7.26
N HIS A 21 14.59 12.37 7.27
CA HIS A 21 14.86 13.61 8.05
C HIS A 21 13.93 14.75 7.58
N GLN A 22 13.73 14.87 6.28
CA GLN A 22 12.85 15.93 5.72
C GLN A 22 11.43 15.70 6.24
N LEU A 23 10.94 14.45 6.15
CA LEU A 23 9.57 14.13 6.62
C LEU A 23 9.48 14.39 8.14
N TRP A 24 10.58 14.16 8.85
CA TRP A 24 10.65 14.44 10.32
C TRP A 24 10.39 15.94 10.58
N ASP A 25 11.16 16.82 9.93
CA ASP A 25 11.02 18.29 10.12
C ASP A 25 9.64 18.76 9.65
N LYS A 26 8.96 18.09 8.73
CA LYS A 26 7.63 18.54 8.23
C LYS A 26 6.49 17.99 9.09
N ASP A 27 6.76 17.04 9.98
CA ASP A 27 5.73 16.40 10.86
C ASP A 27 5.47 17.32 12.07
N LYS A 28 4.83 18.48 11.86
CA LYS A 28 4.61 19.54 12.88
C LYS A 28 3.90 18.95 14.11
N LEU A 29 2.96 18.01 13.92
CA LEU A 29 2.21 17.32 15.01
C LEU A 29 3.07 16.24 15.67
N LYS A 30 4.27 15.96 15.17
CA LYS A 30 5.13 14.85 15.65
C LYS A 30 4.31 13.54 15.72
N MET A 31 3.38 13.33 14.80
CA MET A 31 2.46 12.14 14.79
C MET A 31 3.17 10.93 14.18
N PHE A 32 4.30 11.15 13.51
CA PHE A 32 4.99 10.09 12.73
C PHE A 32 6.35 9.75 13.34
N HIS A 33 6.77 10.50 14.38
CA HIS A 33 8.13 10.46 14.97
C HIS A 33 8.41 9.08 15.63
N HIS A 34 7.41 8.50 16.30
CA HIS A 34 7.60 7.33 17.23
C HIS A 34 6.49 6.31 17.06
N PRO A 35 6.75 5.06 17.49
CA PRO A 35 5.71 4.05 17.45
C PRO A 35 4.59 4.44 18.41
N ILE A 36 3.36 4.17 18.01
CA ILE A 36 2.14 4.38 18.84
C ILE A 36 2.16 3.35 19.97
N SER A 37 2.23 3.81 21.22
CA SER A 37 2.18 2.98 22.43
C SER A 37 0.75 2.48 22.64
N ALA A 38 0.59 1.20 22.98
CA ALA A 38 -0.71 0.59 23.37
C ALA A 38 -1.17 1.19 24.70
N ALA A 39 -0.22 1.66 25.51
CA ALA A 39 -0.47 2.35 26.80
C ALA A 39 -1.21 3.67 26.55
N GLU A 40 -0.89 4.36 25.44
CA GLU A 40 -1.57 5.63 25.07
C GLU A 40 -2.84 5.29 24.30
N LEU A 41 -2.76 4.42 23.28
CA LEU A 41 -3.85 4.14 22.31
C LEU A 41 -4.07 2.65 22.20
N PRO A 42 -4.84 2.05 23.13
CA PRO A 42 -5.00 0.60 23.20
C PRO A 42 -5.77 -0.04 22.03
N ASP A 43 -6.59 0.73 21.30
CA ASP A 43 -7.35 0.19 20.14
C ASP A 43 -6.42 0.13 18.90
N TYR A 44 -5.31 0.90 18.90
CA TYR A 44 -4.53 1.20 17.68
C TYR A 44 -4.13 -0.09 16.96
N HIS A 45 -3.66 -1.08 17.73
CA HIS A 45 -3.00 -2.31 17.19
C HIS A 45 -4.08 -3.31 16.74
N LYS A 46 -5.28 -3.22 17.33
CA LYS A 46 -6.52 -3.86 16.84
C LYS A 46 -6.87 -3.33 15.44
N VAL A 47 -6.66 -2.04 15.18
CA VAL A 47 -7.09 -1.39 13.90
C VAL A 47 -5.97 -1.48 12.86
N ILE A 48 -4.71 -1.26 13.25
CA ILE A 48 -3.55 -1.12 12.32
C ILE A 48 -2.68 -2.37 12.41
N ASN A 49 -2.55 -3.11 11.29
CA ASN A 49 -1.86 -4.42 11.17
C ASN A 49 -0.36 -4.24 11.00
N TYR A 50 0.04 -3.15 10.34
CA TYR A 50 1.44 -2.91 9.93
C TYR A 50 1.86 -1.53 10.44
N PRO A 51 1.97 -1.36 11.77
CA PRO A 51 2.44 -0.10 12.32
C PRO A 51 3.84 0.18 11.76
N VAL A 52 4.09 1.42 11.38
CA VAL A 52 5.43 1.89 10.94
C VAL A 52 5.53 3.35 11.33
N ASP A 53 6.73 3.81 11.58
CA ASP A 53 6.98 5.17 12.08
C ASP A 53 8.38 5.55 11.68
N LEU A 54 8.67 6.84 11.62
CA LEU A 54 9.92 7.35 11.00
C LEU A 54 11.15 6.83 11.74
N SER A 55 11.05 6.56 13.06
CA SER A 55 12.20 6.01 13.87
C SER A 55 12.53 4.60 13.42
N THR A 56 11.52 3.75 13.28
CA THR A 56 11.70 2.34 12.81
C THR A 56 12.27 2.35 11.38
N ILE A 57 11.69 3.18 10.52
CA ILE A 57 12.18 3.36 9.11
C ILE A 57 13.67 3.74 9.15
N ARG A 58 14.04 4.77 9.91
CA ARG A 58 15.46 5.20 10.07
C ARG A 58 16.32 3.97 10.43
N GLN A 59 15.98 3.28 11.53
CA GLN A 59 16.67 2.06 12.03
C GLN A 59 16.77 1.02 10.89
N GLY A 60 15.68 0.80 10.14
CA GLY A 60 15.61 -0.19 9.04
C GLY A 60 16.53 0.14 7.87
N ILE A 61 16.68 1.42 7.55
CA ILE A 61 17.65 1.91 6.52
C ILE A 61 19.08 1.69 7.04
N GLU A 62 19.37 2.12 8.29
CA GLU A 62 20.72 2.07 8.89
C GLU A 62 21.26 0.64 8.92
N SER A 63 20.42 -0.32 9.30
CA SER A 63 20.79 -1.74 9.49
C SER A 63 20.70 -2.51 8.15
N GLY A 64 20.19 -1.86 7.09
CA GLY A 64 19.98 -2.48 5.76
C GLY A 64 18.91 -3.56 5.78
N LYS A 65 17.90 -3.45 6.66
CA LYS A 65 16.67 -4.29 6.65
C LYS A 65 15.86 -4.04 5.35
N TYR A 66 15.94 -2.85 4.76
CA TYR A 66 15.22 -2.51 3.50
C TYR A 66 16.13 -2.86 2.31
N ASP A 67 15.60 -3.58 1.31
CA ASP A 67 16.38 -4.02 0.13
C ASP A 67 16.60 -2.86 -0.85
N SER A 68 15.72 -1.84 -0.88
CA SER A 68 15.74 -0.83 -1.96
C SER A 68 15.11 0.50 -1.52
N ASP A 69 15.40 1.54 -2.28
CA ASP A 69 14.77 2.89 -2.14
C ASP A 69 13.27 2.71 -2.12
N ALA A 70 12.77 1.82 -2.96
CA ALA A 70 11.33 1.63 -3.24
C ALA A 70 10.65 1.07 -1.98
N ASP A 71 11.30 0.14 -1.28
CA ASP A 71 10.77 -0.40 0.00
C ASP A 71 10.71 0.74 1.01
N VAL A 72 11.65 1.67 0.97
CA VAL A 72 11.68 2.77 1.97
C VAL A 72 10.46 3.65 1.71
N GLN A 73 10.19 3.92 0.43
CA GLN A 73 9.07 4.79 0.01
C GLN A 73 7.74 4.11 0.38
N ASN A 74 7.68 2.78 0.21
CA ASN A 74 6.51 1.95 0.58
C ASN A 74 6.27 2.01 2.08
N ALA A 75 7.32 1.97 2.90
CA ALA A 75 7.21 2.04 4.38
C ALA A 75 6.61 3.40 4.78
N VAL A 76 7.13 4.48 4.21
CA VAL A 76 6.55 5.85 4.35
C VAL A 76 5.08 5.84 3.89
N ALA A 77 4.78 5.29 2.70
CA ALA A 77 3.39 5.12 2.21
C ALA A 77 2.53 4.38 3.25
N GLN A 78 3.00 3.26 3.75
CA GLN A 78 2.24 2.47 4.76
C GLN A 78 1.95 3.37 5.95
N MET A 79 2.97 4.11 6.39
CA MET A 79 2.90 5.04 7.55
C MET A 79 1.75 6.03 7.36
N ILE A 80 1.68 6.63 6.19
CA ILE A 80 0.67 7.68 5.89
C ILE A 80 -0.72 7.03 5.85
N ALA A 81 -0.84 5.88 5.19
CA ALA A 81 -2.10 5.14 5.01
C ALA A 81 -2.66 4.76 6.39
N ASN A 82 -1.80 4.27 7.28
CA ASN A 82 -2.16 3.95 8.68
C ASN A 82 -2.89 5.16 9.28
N ALA A 83 -2.31 6.35 9.12
CA ALA A 83 -2.77 7.59 9.80
C ALA A 83 -4.10 7.99 9.18
N LEU A 84 -4.24 7.85 7.85
CA LEU A 84 -5.48 8.22 7.12
C LEU A 84 -6.58 7.23 7.50
N GLU A 85 -6.25 5.96 7.66
CA GLU A 85 -7.19 4.92 8.14
C GLU A 85 -7.58 5.19 9.59
N TYR A 86 -6.63 5.35 10.49
CA TYR A 86 -6.94 5.39 11.93
C TYR A 86 -7.66 6.69 12.34
N ASN A 87 -7.26 7.83 11.76
CA ASN A 87 -7.73 9.18 12.14
C ASN A 87 -9.06 9.50 11.47
N ALA A 88 -9.91 10.29 12.14
CA ALA A 88 -11.21 10.77 11.60
C ALA A 88 -10.94 11.92 10.62
N LYS A 89 -11.49 11.82 9.43
CA LYS A 89 -11.53 12.90 8.40
C LYS A 89 -11.84 14.22 9.09
N GLY A 90 -11.11 15.27 8.81
CA GLY A 90 -11.39 16.61 9.35
C GLY A 90 -10.45 17.01 10.46
N THR A 91 -9.94 16.06 11.25
CA THR A 91 -9.06 16.34 12.40
C THR A 91 -7.75 16.88 11.84
N GLU A 92 -6.97 17.56 12.68
CA GLU A 92 -5.60 18.06 12.38
C GLU A 92 -4.73 16.89 11.89
N TRP A 93 -4.90 15.72 12.45
CA TRP A 93 -3.98 14.59 12.19
C TRP A 93 -4.27 14.03 10.80
N HIS A 94 -5.56 13.81 10.49
CA HIS A 94 -6.02 13.35 9.16
C HIS A 94 -5.60 14.40 8.13
N GLN A 95 -5.72 15.69 8.44
CA GLN A 95 -5.32 16.77 7.48
C GLN A 95 -3.81 16.69 7.26
N GLN A 96 -3.03 16.50 8.32
CA GLN A 96 -1.55 16.44 8.18
C GLN A 96 -1.19 15.21 7.35
N ALA A 97 -1.86 14.07 7.59
CA ALA A 97 -1.68 12.83 6.81
C ALA A 97 -2.06 13.05 5.33
N LEU A 98 -3.17 13.72 5.02
CA LEU A 98 -3.56 14.07 3.61
C LEU A 98 -2.47 14.94 2.97
N SER A 99 -1.99 15.93 3.68
CA SER A 99 -0.87 16.79 3.24
C SER A 99 0.34 15.90 2.95
N PHE A 100 0.66 14.98 3.85
CA PHE A 100 1.84 14.08 3.69
C PHE A 100 1.64 13.22 2.42
N ARG A 101 0.45 12.65 2.23
CA ARG A 101 0.16 11.84 1.02
C ARG A 101 0.47 12.65 -0.24
N SER A 102 0.05 13.92 -0.29
CA SER A 102 0.22 14.77 -1.51
C SER A 102 1.66 15.31 -1.67
N ILE A 103 2.56 15.26 -0.66
CA ILE A 103 3.91 15.91 -0.81
C ILE A 103 5.05 14.90 -0.74
N TYR A 104 4.83 13.68 -0.20
CA TYR A 104 5.96 12.83 0.23
C TYR A 104 6.79 12.44 -1.01
N LEU A 105 6.14 12.27 -2.17
CA LEU A 105 6.82 11.85 -3.42
C LEU A 105 7.75 12.99 -3.89
N ASP A 106 7.34 14.24 -3.74
CA ASP A 106 8.20 15.39 -4.10
C ASP A 106 9.31 15.55 -3.06
N VAL A 107 9.08 15.17 -1.81
CA VAL A 107 10.17 15.20 -0.79
C VAL A 107 11.20 14.14 -1.17
N ALA A 108 10.73 12.96 -1.54
CA ALA A 108 11.57 11.86 -2.04
C ALA A 108 12.36 12.36 -3.26
N ARG A 109 11.70 12.95 -4.24
CA ARG A 109 12.38 13.46 -5.48
C ARG A 109 13.37 14.56 -5.08
N GLN A 110 13.03 15.43 -4.14
CA GLN A 110 13.94 16.53 -3.70
C GLN A 110 15.20 15.97 -3.03
N CYS A 111 15.13 14.76 -2.46
CA CYS A 111 16.29 14.06 -1.85
C CYS A 111 16.97 13.13 -2.87
N GLY A 112 16.61 13.25 -4.13
CA GLY A 112 17.26 12.54 -5.24
C GLY A 112 16.80 11.09 -5.37
N LEU A 113 15.69 10.68 -4.73
CA LEU A 113 15.11 9.32 -4.96
C LEU A 113 14.35 9.31 -6.30
N SER A 114 14.40 8.19 -7.01
CA SER A 114 13.55 7.85 -8.18
C SER A 114 12.15 7.49 -7.71
N VAL A 115 11.13 8.06 -8.32
CA VAL A 115 9.71 7.79 -7.98
C VAL A 115 8.98 7.24 -9.22
N ASP A 116 8.36 6.06 -9.09
CA ASP A 116 7.39 5.53 -10.08
C ASP A 116 6.01 6.14 -9.75
N ASP A 117 5.67 7.20 -10.48
CA ASP A 117 4.49 8.06 -10.30
C ASP A 117 3.18 7.26 -10.41
N ASP A 118 3.03 6.42 -11.42
CA ASP A 118 1.82 5.60 -11.65
C ASP A 118 1.61 4.63 -10.48
N ALA A 119 2.69 4.05 -9.94
CA ALA A 119 2.62 2.94 -8.96
C ALA A 119 2.48 3.49 -7.53
N ALA A 120 2.99 4.69 -7.25
CA ALA A 120 3.17 5.19 -5.87
C ALA A 120 1.80 5.39 -5.20
N TYR A 121 1.70 5.05 -3.92
CA TYR A 121 0.55 5.39 -3.07
C TYR A 121 0.23 6.87 -3.18
CA GLY B 9 -13.04 -5.54 11.82
C GLY B 9 -13.71 -6.90 11.58
N THR B 10 -14.80 -6.92 10.79
CA THR B 10 -15.56 -8.14 10.38
C THR B 10 -15.27 -8.47 8.90
N LEU B 11 -15.09 -9.76 8.58
CA LEU B 11 -15.02 -10.28 7.18
C LEU B 11 -16.42 -10.74 6.75
N ASP B 12 -17.02 -10.08 5.78
CA ASP B 12 -18.20 -10.61 5.06
C ASP B 12 -17.72 -11.37 3.83
N LYS B 13 -17.66 -12.70 3.92
CA LYS B 13 -17.19 -13.59 2.82
C LYS B 13 -18.04 -13.36 1.57
N ALA B 14 -19.34 -13.09 1.73
CA ALA B 14 -20.31 -12.93 0.61
C ALA B 14 -19.97 -11.69 -0.23
N ARG B 15 -19.77 -10.54 0.41
CA ARG B 15 -19.53 -9.26 -0.31
C ARG B 15 -18.11 -9.27 -0.88
N CYS B 16 -17.18 -9.94 -0.19
CA CYS B 16 -15.76 -10.01 -0.57
C CYS B 16 -15.61 -10.95 -1.77
N LEU B 17 -16.36 -12.05 -1.80
CA LEU B 17 -16.35 -12.99 -2.95
C LEU B 17 -17.07 -12.36 -4.14
N ALA B 18 -18.12 -11.57 -3.92
CA ALA B 18 -18.79 -10.81 -5.00
C ALA B 18 -17.80 -9.75 -5.56
N PHE B 19 -17.01 -9.15 -4.68
CA PHE B 19 -16.01 -8.11 -5.01
C PHE B 19 -14.95 -8.72 -5.94
N VAL B 20 -14.45 -9.88 -5.56
CA VAL B 20 -13.38 -10.62 -6.30
C VAL B 20 -13.94 -11.08 -7.64
N HIS B 21 -15.17 -11.58 -7.65
CA HIS B 21 -15.87 -12.10 -8.86
C HIS B 21 -16.03 -10.93 -9.86
N GLN B 22 -16.53 -9.81 -9.40
CA GLN B 22 -16.74 -8.64 -10.28
C GLN B 22 -15.37 -8.22 -10.88
N LEU B 23 -14.27 -8.32 -10.12
CA LEU B 23 -12.93 -7.88 -10.61
C LEU B 23 -12.41 -8.91 -11.59
N TRP B 24 -12.62 -10.19 -11.25
CA TRP B 24 -12.39 -11.35 -12.11
C TRP B 24 -12.91 -11.05 -13.53
N ASP B 25 -14.19 -10.71 -13.69
CA ASP B 25 -14.86 -10.57 -15.02
C ASP B 25 -14.42 -9.27 -15.73
N LYS B 26 -13.93 -8.26 -15.00
CA LYS B 26 -13.40 -7.00 -15.62
C LYS B 26 -11.96 -7.23 -16.07
N ASP B 27 -11.34 -8.30 -15.59
CA ASP B 27 -9.93 -8.63 -15.91
C ASP B 27 -9.90 -9.31 -17.28
N LYS B 28 -10.04 -8.52 -18.35
CA LYS B 28 -10.14 -9.00 -19.76
C LYS B 28 -8.83 -9.72 -20.11
N LEU B 29 -7.69 -9.16 -19.70
CA LEU B 29 -6.35 -9.73 -20.00
C LEU B 29 -6.10 -11.00 -19.17
N LYS B 30 -6.90 -11.29 -18.14
CA LYS B 30 -6.70 -12.42 -17.19
C LYS B 30 -5.32 -12.32 -16.49
N MET B 31 -4.84 -11.11 -16.22
CA MET B 31 -3.48 -10.87 -15.65
C MET B 31 -3.54 -11.01 -14.14
N PHE B 32 -4.72 -10.94 -13.56
CA PHE B 32 -4.93 -10.96 -12.09
C PHE B 32 -5.47 -12.31 -11.62
N HIS B 33 -5.86 -13.20 -12.53
CA HIS B 33 -6.63 -14.44 -12.21
C HIS B 33 -5.80 -15.39 -11.35
N HIS B 34 -4.48 -15.53 -11.65
CA HIS B 34 -3.62 -16.64 -11.15
C HIS B 34 -2.25 -16.12 -10.73
N PRO B 35 -1.51 -16.89 -9.90
CA PRO B 35 -0.09 -16.63 -9.69
C PRO B 35 0.68 -16.34 -10.98
N ILE B 36 1.43 -15.26 -10.95
CA ILE B 36 2.44 -14.91 -11.99
C ILE B 36 3.48 -16.02 -11.99
N SER B 37 3.74 -16.62 -13.14
CA SER B 37 4.68 -17.75 -13.33
C SER B 37 6.11 -17.23 -13.44
N ALA B 38 7.02 -17.71 -12.60
CA ALA B 38 8.48 -17.37 -12.67
C ALA B 38 9.09 -17.99 -13.92
N ALA B 39 8.45 -19.04 -14.46
CA ALA B 39 8.76 -19.66 -15.77
C ALA B 39 8.47 -18.68 -16.91
N GLU B 40 7.49 -17.79 -16.74
CA GLU B 40 7.17 -16.76 -17.76
C GLU B 40 7.96 -15.49 -17.47
N LEU B 41 8.02 -15.08 -16.20
CA LEU B 41 8.70 -13.84 -15.79
C LEU B 41 9.75 -14.16 -14.74
N PRO B 42 10.93 -14.66 -15.18
CA PRO B 42 12.03 -15.07 -14.29
C PRO B 42 12.45 -14.09 -13.17
N ASP B 43 12.34 -12.78 -13.43
CA ASP B 43 12.80 -11.71 -12.50
C ASP B 43 11.64 -11.27 -11.61
N TYR B 44 10.46 -11.87 -11.75
CA TYR B 44 9.21 -11.31 -11.18
C TYR B 44 9.33 -11.29 -9.67
N HIS B 45 9.76 -12.41 -9.07
CA HIS B 45 9.85 -12.59 -7.59
C HIS B 45 11.15 -11.96 -7.07
N LYS B 46 12.01 -11.47 -7.97
CA LYS B 46 13.13 -10.57 -7.62
C LYS B 46 12.65 -9.12 -7.52
N VAL B 47 11.57 -8.74 -8.22
CA VAL B 47 11.09 -7.31 -8.26
C VAL B 47 9.96 -7.15 -7.24
N ILE B 48 9.10 -8.15 -7.13
CA ILE B 48 7.82 -8.09 -6.38
C ILE B 48 7.96 -8.89 -5.11
N ASN B 49 7.89 -8.21 -3.97
CA ASN B 49 8.03 -8.77 -2.60
C ASN B 49 6.76 -9.52 -2.18
N TYR B 50 5.58 -9.01 -2.55
CA TYR B 50 4.27 -9.49 -2.03
C TYR B 50 3.36 -9.90 -3.20
N PRO B 51 3.70 -10.98 -3.94
CA PRO B 51 2.83 -11.51 -4.97
C PRO B 51 1.44 -11.89 -4.44
N VAL B 52 0.39 -11.47 -5.13
CA VAL B 52 -1.02 -11.82 -4.77
C VAL B 52 -1.89 -11.76 -6.04
N ASP B 53 -2.97 -12.55 -6.05
CA ASP B 53 -3.80 -12.78 -7.25
C ASP B 53 -5.23 -13.08 -6.82
N LEU B 54 -6.19 -12.97 -7.74
CA LEU B 54 -7.61 -13.07 -7.37
C LEU B 54 -7.94 -14.47 -6.81
N SER B 55 -7.46 -15.53 -7.45
CA SER B 55 -7.62 -16.94 -6.99
C SER B 55 -7.14 -17.06 -5.55
N THR B 56 -5.95 -16.53 -5.26
CA THR B 56 -5.32 -16.57 -3.91
C THR B 56 -6.23 -15.83 -2.93
N ILE B 57 -6.67 -14.63 -3.30
CA ILE B 57 -7.55 -13.77 -2.43
C ILE B 57 -8.85 -14.53 -2.15
N ARG B 58 -9.45 -15.13 -3.16
CA ARG B 58 -10.68 -15.95 -3.03
C ARG B 58 -10.44 -17.04 -1.96
N GLN B 59 -9.37 -17.80 -2.09
CA GLN B 59 -9.00 -18.86 -1.11
C GLN B 59 -8.76 -18.23 0.27
N GLY B 60 -8.13 -17.06 0.33
CA GLY B 60 -7.93 -16.33 1.59
C GLY B 60 -9.26 -16.03 2.25
N ILE B 61 -10.28 -15.70 1.44
CA ILE B 61 -11.64 -15.36 1.93
C ILE B 61 -12.35 -16.66 2.39
N GLU B 62 -12.22 -17.75 1.62
CA GLU B 62 -12.88 -19.06 1.90
C GLU B 62 -12.30 -19.71 3.17
N SER B 63 -11.00 -19.52 3.46
CA SER B 63 -10.27 -20.12 4.61
C SER B 63 -10.11 -19.11 5.77
N GLY B 64 -10.84 -17.99 5.72
CA GLY B 64 -10.85 -16.94 6.76
C GLY B 64 -9.46 -16.40 7.10
N LYS B 65 -8.49 -16.48 6.19
CA LYS B 65 -7.12 -15.89 6.35
C LYS B 65 -7.23 -14.38 6.60
N TYR B 66 -8.19 -13.71 5.96
CA TYR B 66 -8.41 -12.25 6.06
C TYR B 66 -9.31 -11.97 7.27
N ASP B 67 -8.98 -10.93 8.04
CA ASP B 67 -9.71 -10.54 9.28
C ASP B 67 -10.91 -9.65 8.94
N SER B 68 -10.71 -8.67 8.06
CA SER B 68 -11.75 -7.65 7.74
C SER B 68 -11.98 -7.53 6.24
N ASP B 69 -13.04 -6.86 5.87
CA ASP B 69 -13.31 -6.37 4.50
C ASP B 69 -12.12 -5.51 4.06
N ALA B 70 -11.61 -4.64 4.95
CA ALA B 70 -10.43 -3.77 4.72
C ALA B 70 -9.22 -4.60 4.24
N ASP B 71 -8.93 -5.73 4.88
CA ASP B 71 -7.79 -6.60 4.50
C ASP B 71 -7.93 -7.07 3.04
N VAL B 72 -9.14 -7.40 2.61
CA VAL B 72 -9.42 -7.92 1.23
C VAL B 72 -9.19 -6.78 0.23
N GLN B 73 -9.65 -5.58 0.56
CA GLN B 73 -9.43 -4.41 -0.32
C GLN B 73 -7.92 -4.13 -0.44
N ASN B 74 -7.16 -4.36 0.65
N ASN B 74 -7.19 -4.31 0.67
CA ASN B 74 -5.70 -4.06 0.71
CA ASN B 74 -5.71 -4.09 0.76
C ASN B 74 -4.95 -5.08 -0.15
C ASN B 74 -4.99 -5.07 -0.16
N ALA B 75 -5.37 -6.36 -0.10
CA ALA B 75 -4.83 -7.43 -0.97
C ALA B 75 -5.05 -7.06 -2.44
N VAL B 76 -6.25 -6.65 -2.80
CA VAL B 76 -6.57 -6.20 -4.18
C VAL B 76 -5.67 -5.01 -4.54
N ALA B 77 -5.47 -4.08 -3.63
CA ALA B 77 -4.66 -2.86 -3.86
C ALA B 77 -3.22 -3.29 -4.16
N GLN B 78 -2.71 -4.24 -3.40
CA GLN B 78 -1.33 -4.74 -3.53
C GLN B 78 -1.18 -5.40 -4.91
N MET B 79 -2.15 -6.22 -5.28
CA MET B 79 -2.20 -6.96 -6.56
C MET B 79 -2.05 -5.95 -7.70
N ILE B 80 -2.82 -4.86 -7.64
CA ILE B 80 -2.78 -3.75 -8.65
C ILE B 80 -1.41 -3.08 -8.60
N ALA B 81 -0.91 -2.79 -7.39
CA ALA B 81 0.35 -2.04 -7.17
C ALA B 81 1.50 -2.85 -7.78
N ASN B 82 1.49 -4.17 -7.57
CA ASN B 82 2.53 -5.09 -8.11
C ASN B 82 2.60 -4.91 -9.61
N ALA B 83 1.46 -4.93 -10.29
CA ALA B 83 1.34 -4.89 -11.77
C ALA B 83 1.88 -3.55 -12.30
N LEU B 84 1.59 -2.47 -11.59
CA LEU B 84 2.04 -1.11 -11.97
C LEU B 84 3.54 -1.00 -11.77
N GLU B 85 4.05 -1.65 -10.73
CA GLU B 85 5.49 -1.68 -10.41
C GLU B 85 6.21 -2.55 -11.45
N TYR B 86 5.65 -3.71 -11.80
CA TYR B 86 6.37 -4.69 -12.66
C TYR B 86 6.30 -4.28 -14.14
N ASN B 87 5.13 -3.90 -14.62
CA ASN B 87 4.87 -3.66 -16.07
C ASN B 87 5.39 -2.28 -16.48
N ALA B 88 5.96 -2.17 -17.67
CA ALA B 88 6.38 -0.88 -18.28
C ALA B 88 5.16 -0.02 -18.61
N LYS B 89 5.18 1.24 -18.21
CA LYS B 89 4.16 2.25 -18.62
C LYS B 89 4.00 2.16 -20.14
N GLY B 90 2.75 2.13 -20.62
CA GLY B 90 2.41 2.04 -22.06
C GLY B 90 2.07 0.64 -22.52
N THR B 91 2.43 -0.40 -21.75
CA THR B 91 1.98 -1.79 -22.02
C THR B 91 0.49 -1.92 -21.71
N GLU B 92 -0.23 -2.66 -22.55
CA GLU B 92 -1.64 -3.05 -22.31
C GLU B 92 -1.80 -3.56 -20.85
N TRP B 93 -0.82 -4.28 -20.31
CA TRP B 93 -0.86 -4.83 -18.93
C TRP B 93 -0.88 -3.66 -17.92
N HIS B 94 -0.02 -2.67 -18.14
CA HIS B 94 0.11 -1.49 -17.25
C HIS B 94 -1.15 -0.64 -17.36
N GLN B 95 -1.70 -0.47 -18.56
CA GLN B 95 -2.93 0.32 -18.84
C GLN B 95 -4.13 -0.30 -18.08
N GLN B 96 -4.31 -1.61 -18.14
CA GLN B 96 -5.44 -2.30 -17.43
C GLN B 96 -5.22 -2.17 -15.91
N ALA B 97 -3.97 -2.26 -15.47
CA ALA B 97 -3.60 -2.04 -14.04
C ALA B 97 -4.01 -0.60 -13.62
N LEU B 98 -3.69 0.41 -14.43
CA LEU B 98 -4.08 1.84 -14.17
C LEU B 98 -5.59 1.95 -14.06
N SER B 99 -6.31 1.35 -15.00
CA SER B 99 -7.78 1.32 -14.98
C SER B 99 -8.25 0.65 -13.69
N PHE B 100 -7.70 -0.51 -13.35
CA PHE B 100 -8.12 -1.21 -12.12
C PHE B 100 -7.89 -0.30 -10.91
N ARG B 101 -6.73 0.38 -10.83
CA ARG B 101 -6.42 1.25 -9.68
C ARG B 101 -7.52 2.28 -9.54
N SER B 102 -8.00 2.73 -10.67
CA SER B 102 -8.99 3.82 -10.80
C SER B 102 -10.42 3.36 -10.45
N ILE B 103 -10.78 2.07 -10.57
CA ILE B 103 -12.20 1.59 -10.42
C ILE B 103 -12.37 0.64 -9.22
N TYR B 104 -11.28 0.09 -8.67
CA TYR B 104 -11.36 -1.07 -7.73
C TYR B 104 -12.12 -0.67 -6.46
N LEU B 105 -11.98 0.57 -5.98
CA LEU B 105 -12.72 1.02 -4.79
C LEU B 105 -14.21 1.11 -5.11
N ASP B 106 -14.55 1.56 -6.30
CA ASP B 106 -15.96 1.68 -6.76
C ASP B 106 -16.62 0.30 -6.76
N VAL B 107 -15.91 -0.69 -7.28
CA VAL B 107 -16.40 -2.08 -7.37
C VAL B 107 -16.65 -2.58 -5.94
N ALA B 108 -15.77 -2.24 -5.00
CA ALA B 108 -15.96 -2.53 -3.55
C ALA B 108 -17.24 -1.85 -3.03
N ARG B 109 -17.48 -0.59 -3.39
CA ARG B 109 -18.72 0.15 -3.02
C ARG B 109 -19.95 -0.57 -3.60
N GLN B 110 -19.88 -0.89 -4.90
CA GLN B 110 -20.94 -1.57 -5.67
C GLN B 110 -21.32 -2.91 -4.99
N CYS B 111 -20.45 -3.49 -4.18
CA CYS B 111 -20.69 -4.79 -3.50
C CYS B 111 -21.10 -4.57 -2.04
N GLY B 112 -21.23 -3.31 -1.61
CA GLY B 112 -21.67 -2.97 -0.24
C GLY B 112 -20.54 -3.01 0.78
N LEU B 113 -19.28 -3.02 0.34
CA LEU B 113 -18.14 -2.95 1.26
C LEU B 113 -17.96 -1.50 1.65
N SER B 114 -17.60 -1.24 2.91
CA SER B 114 -17.16 0.08 3.38
C SER B 114 -15.80 0.38 2.78
N VAL B 115 -15.64 1.59 2.27
CA VAL B 115 -14.38 2.10 1.67
C VAL B 115 -13.91 3.30 2.50
N ASP B 116 -12.60 3.45 2.67
CA ASP B 116 -11.96 4.70 3.17
C ASP B 116 -11.33 5.39 1.96
N ASP B 117 -12.10 6.27 1.33
CA ASP B 117 -11.68 7.02 0.11
C ASP B 117 -10.33 7.71 0.33
N ASP B 118 -10.09 8.28 1.51
CA ASP B 118 -8.88 9.09 1.78
C ASP B 118 -7.67 8.16 1.96
N ALA B 119 -7.86 7.03 2.64
CA ALA B 119 -6.78 6.10 3.01
C ALA B 119 -6.37 5.23 1.81
N ALA B 120 -7.33 4.82 0.97
CA ALA B 120 -7.17 3.72 -0.03
C ALA B 120 -6.08 4.04 -1.07
N TYR B 121 -5.30 3.04 -1.44
CA TYR B 121 -4.39 3.05 -2.60
C TYR B 121 -5.10 3.61 -3.84
#